data_2HCD
#
_entry.id   2HCD
#
_cell.length_a   65.859
_cell.length_b   65.859
_cell.length_c   265.018
_cell.angle_alpha   90.00
_cell.angle_beta   90.00
_cell.angle_gamma   120.00
#
_symmetry.space_group_name_H-M   'P 65 2 2'
#
loop_
_entity.id
_entity.type
_entity.pdbx_description
1 polymer 'Vitamin D receptor'
2 polymer 'SRC-1 from Nuclear receptor coactivator 1'
3 non-polymer '21-NOR-9,10-SECOCHOLESTA-5,7,10(19)-TRIENE-1,3,25-TRIOL, 20-(4-HYDROXY-4-METHYLPENTYL)-, (1A,3B,5Z,7E)'
4 water water
#
loop_
_entity_poly.entity_id
_entity_poly.type
_entity_poly.pdbx_seq_one_letter_code
_entity_poly.pdbx_strand_id
1 'polypeptide(L)'
;GSHMLSDEQMQIINSLVEAHHKTYDDSYSDFVRFRPPVREGPVTRSASRAASLHSLSDASSDSFNHSPESVDTKLNFSNL
LMMYQDSGSPDSSEEDQQSRLSMLPHLADLVSYSIQKVIGFAKMIPGFRDLTAEDQIALLKSSAIEIIMLRSNQSFSLED
MSWSCGGPDFKYCINDVTKAGHTLELLEPLVKFQVGLKKLKLHEEEHVLLMAICLLSPDRPGVQDHVRIEALQDRLCDVL
QAYIRIQHPGGRLLYAKMIQKLADLRSLNEEHSKQYRSLSFQPEHSMQLTPLVLEVFGSEVS
;
A
2 'polypeptide(L)' RHKILHRLLQEGSPS B
#
loop_
_chem_comp.id
_chem_comp.type
_chem_comp.name
_chem_comp.formula
BIV non-polymer '21-NOR-9,10-SECOCHOLESTA-5,7,10(19)-TRIENE-1,3,25-TRIOL, 20-(4-HYDROXY-4-METHYLPENTYL)-, (1A,3B,5Z,7E)' 'C32 H54 O4'
#
# COMPACT_ATOMS: atom_id res chain seq x y z
N HIS A 3 -8.90 23.70 17.55
CA HIS A 3 -10.17 24.04 16.86
C HIS A 3 -9.96 24.45 15.41
N MET A 4 -8.71 24.49 14.98
CA MET A 4 -8.38 24.88 13.62
C MET A 4 -6.98 24.43 13.29
N LEU A 5 -6.80 23.80 12.14
CA LEU A 5 -5.48 23.32 11.72
C LEU A 5 -4.50 24.48 11.52
N SER A 6 -3.23 24.19 11.79
CA SER A 6 -2.15 25.16 11.67
C SER A 6 -1.46 24.94 10.35
N ASP A 7 -0.59 25.87 9.97
CA ASP A 7 0.13 25.77 8.71
C ASP A 7 0.92 24.48 8.49
N GLU A 8 1.85 24.17 9.38
CA GLU A 8 2.65 22.97 9.21
C GLU A 8 1.78 21.76 8.90
N GLN A 9 0.62 21.68 9.56
CA GLN A 9 -0.30 20.57 9.33
C GLN A 9 -0.88 20.67 7.93
N MET A 10 -1.48 21.81 7.64
CA MET A 10 -2.08 22.08 6.35
C MET A 10 -1.08 21.82 5.25
N GLN A 11 0.17 22.20 5.47
CA GLN A 11 1.22 21.98 4.48
C GLN A 11 1.58 20.50 4.38
N ILE A 12 1.27 19.75 5.44
CA ILE A 12 1.54 18.31 5.46
C ILE A 12 0.50 17.65 4.56
N ILE A 13 -0.74 18.10 4.69
CA ILE A 13 -1.84 17.56 3.90
C ILE A 13 -1.70 17.90 2.42
N ASN A 14 -1.22 19.11 2.12
CA ASN A 14 -1.03 19.53 0.73
C ASN A 14 0.02 18.69 0.04
N SER A 15 1.08 18.34 0.77
CA SER A 15 2.17 17.55 0.22
C SER A 15 1.76 16.12 -0.07
N LEU A 16 1.04 15.53 0.88
CA LEU A 16 0.58 14.17 0.75
C LEU A 16 -0.44 14.01 -0.37
N VAL A 17 -1.39 14.94 -0.45
CA VAL A 17 -2.41 14.86 -1.48
C VAL A 17 -1.78 15.04 -2.85
N GLU A 18 -0.86 15.99 -2.99
CA GLU A 18 -0.23 16.20 -4.28
C GLU A 18 0.58 14.97 -4.66
N ALA A 19 1.16 14.34 -3.64
CA ALA A 19 1.98 13.15 -3.82
C ALA A 19 1.13 12.02 -4.38
N HIS A 20 0.03 11.72 -3.71
CA HIS A 20 -0.83 10.66 -4.16
C HIS A 20 -1.29 10.91 -5.59
N HIS A 21 -1.54 12.17 -5.91
CA HIS A 21 -1.99 12.55 -7.24
C HIS A 21 -0.91 12.32 -8.28
N LYS A 22 0.31 12.68 -7.93
CA LYS A 22 1.40 12.49 -8.86
C LYS A 22 1.78 11.00 -9.00
N THR A 23 1.21 10.13 -8.16
CA THR A 23 1.55 8.70 -8.21
C THR A 23 0.37 7.70 -8.27
N TYR A 24 -0.82 8.21 -8.60
CA TYR A 24 -2.01 7.36 -8.74
C TYR A 24 -2.89 7.88 -9.87
N ASP A 25 -3.08 7.05 -10.89
CA ASP A 25 -3.89 7.40 -12.03
C ASP A 25 -5.26 6.74 -11.93
N ASP A 26 -6.33 7.54 -11.98
CA ASP A 26 -7.68 7.01 -11.88
C ASP A 26 -8.20 6.39 -13.17
N SER A 27 -7.39 6.43 -14.22
CA SER A 27 -7.78 5.85 -15.50
C SER A 27 -7.10 4.48 -15.68
N TYR A 28 -6.02 4.23 -14.92
CA TYR A 28 -5.28 2.97 -14.99
C TYR A 28 -4.78 2.71 -16.41
N SER A 29 -4.31 3.76 -17.07
CA SER A 29 -3.84 3.64 -18.44
C SER A 29 -2.57 2.84 -18.67
N ASP A 30 -1.66 2.83 -17.70
CA ASP A 30 -0.40 2.11 -17.87
C ASP A 30 -0.54 0.59 -17.82
N PHE A 31 -1.68 0.11 -17.33
CA PHE A 31 -1.95 -1.33 -17.21
C PHE A 31 -1.83 -2.12 -18.54
N VAL A 32 -1.90 -1.44 -19.68
CA VAL A 32 -1.76 -2.14 -20.96
C VAL A 32 -0.29 -2.47 -21.20
N ARG A 33 0.59 -1.76 -20.49
CA ARG A 33 2.00 -2.00 -20.63
C ARG A 33 2.42 -3.29 -19.92
N PHE A 34 1.62 -3.71 -18.94
CA PHE A 34 1.89 -4.94 -18.18
C PHE A 34 1.78 -6.14 -19.11
N ARG A 35 2.19 -7.31 -18.62
CA ARG A 35 2.02 -8.51 -19.41
C ARG A 35 0.53 -8.74 -19.31
N PRO A 36 -0.13 -9.02 -20.44
CA PRO A 36 -1.57 -9.28 -20.48
C PRO A 36 -2.10 -10.30 -19.51
N PRO A 37 -3.29 -10.06 -18.95
CA PRO A 37 -3.90 -10.99 -18.01
C PRO A 37 -4.37 -12.23 -18.77
N VAL A 38 -4.62 -13.32 -18.06
CA VAL A 38 -5.06 -14.56 -18.68
C VAL A 38 -5.92 -15.34 -17.69
N ARG A 39 -7.21 -15.45 -18.00
CA ARG A 39 -8.14 -16.16 -17.14
C ARG A 39 -8.59 -17.46 -17.79
N ARG A 100 -2.97 -22.67 -14.17
CA ARG A 100 -1.60 -22.83 -13.68
C ARG A 100 -0.94 -21.47 -13.48
N LEU A 101 -1.42 -20.73 -12.47
CA LEU A 101 -0.87 -19.42 -12.17
C LEU A 101 -0.78 -18.59 -13.44
N SER A 102 -1.92 -18.49 -14.11
CA SER A 102 -2.03 -17.76 -15.36
C SER A 102 -2.09 -16.26 -15.18
N MET A 103 -2.57 -15.82 -14.02
CA MET A 103 -2.67 -14.40 -13.74
C MET A 103 -1.39 -13.86 -13.12
N LEU A 104 -0.51 -14.77 -12.71
CA LEU A 104 0.76 -14.44 -12.09
C LEU A 104 1.58 -13.39 -12.86
N PRO A 105 1.70 -13.55 -14.20
CA PRO A 105 2.48 -12.58 -14.98
C PRO A 105 1.88 -11.16 -14.98
N HIS A 106 0.57 -11.07 -15.09
CA HIS A 106 -0.07 -9.77 -15.10
C HIS A 106 -0.01 -9.12 -13.72
N LEU A 107 -0.48 -9.84 -12.71
CA LEU A 107 -0.49 -9.31 -11.35
C LEU A 107 0.88 -8.98 -10.78
N ALA A 108 1.92 -9.65 -11.27
CA ALA A 108 3.28 -9.39 -10.81
C ALA A 108 3.65 -8.00 -11.30
N ASP A 109 3.30 -7.73 -12.56
CA ASP A 109 3.58 -6.42 -13.16
C ASP A 109 2.75 -5.32 -12.47
N LEU A 110 1.53 -5.69 -12.05
CA LEU A 110 0.61 -4.77 -11.38
C LEU A 110 1.24 -4.31 -10.08
N VAL A 111 1.67 -5.29 -9.29
CA VAL A 111 2.30 -5.06 -7.99
C VAL A 111 3.65 -4.34 -8.12
N SER A 112 4.49 -4.82 -9.04
CA SER A 112 5.81 -4.24 -9.25
C SER A 112 5.64 -2.77 -9.62
N TYR A 113 4.61 -2.52 -10.43
CA TYR A 113 4.28 -1.18 -10.89
C TYR A 113 3.95 -0.33 -9.65
N SER A 114 3.01 -0.84 -8.86
CA SER A 114 2.55 -0.18 -7.65
C SER A 114 3.64 0.11 -6.64
N ILE A 115 4.63 -0.77 -6.57
CA ILE A 115 5.75 -0.56 -5.65
C ILE A 115 6.52 0.69 -6.08
N GLN A 116 6.72 0.85 -7.39
CA GLN A 116 7.44 2.00 -7.88
C GLN A 116 6.66 3.24 -7.51
N LYS A 117 5.33 3.10 -7.48
CA LYS A 117 4.45 4.20 -7.15
C LYS A 117 4.53 4.52 -5.68
N VAL A 118 4.49 3.47 -4.85
CA VAL A 118 4.57 3.65 -3.41
C VAL A 118 5.89 4.32 -3.03
N ILE A 119 6.97 3.92 -3.68
CA ILE A 119 8.29 4.49 -3.44
C ILE A 119 8.25 5.97 -3.84
N GLY A 120 7.44 6.29 -4.86
CA GLY A 120 7.31 7.66 -5.31
C GLY A 120 6.55 8.48 -4.31
N PHE A 121 5.50 7.90 -3.74
CA PHE A 121 4.68 8.57 -2.74
C PHE A 121 5.51 8.78 -1.49
N ALA A 122 6.15 7.71 -1.03
CA ALA A 122 6.99 7.73 0.17
C ALA A 122 8.03 8.83 0.10
N LYS A 123 8.78 8.86 -0.99
CA LYS A 123 9.82 9.87 -1.17
C LYS A 123 9.33 11.26 -0.86
N MET A 124 8.02 11.49 -1.03
CA MET A 124 7.44 12.80 -0.78
C MET A 124 6.71 12.94 0.55
N ILE A 125 6.74 11.90 1.38
CA ILE A 125 6.12 11.99 2.68
C ILE A 125 7.07 12.90 3.44
N PRO A 126 6.57 13.99 4.05
CA PRO A 126 7.44 14.90 4.80
C PRO A 126 8.22 14.25 5.97
N GLY A 127 9.55 14.33 5.91
CA GLY A 127 10.38 13.74 6.95
C GLY A 127 11.01 12.42 6.54
N PHE A 128 10.45 11.79 5.51
CA PHE A 128 10.93 10.50 5.00
C PHE A 128 12.32 10.56 4.35
N ARG A 129 12.57 11.58 3.53
CA ARG A 129 13.86 11.67 2.86
C ARG A 129 14.97 11.91 3.88
N ASP A 130 14.61 12.35 5.08
CA ASP A 130 15.59 12.61 6.11
C ASP A 130 16.10 11.34 6.79
N LEU A 131 15.32 10.28 6.69
CA LEU A 131 15.73 9.01 7.29
C LEU A 131 16.92 8.50 6.49
N THR A 132 17.56 7.45 7.01
CA THR A 132 18.72 6.88 6.33
C THR A 132 18.25 5.91 5.25
N ALA A 133 19.04 5.80 4.18
CA ALA A 133 18.72 4.91 3.08
C ALA A 133 18.22 3.57 3.60
N GLU A 134 18.94 3.06 4.61
CA GLU A 134 18.61 1.80 5.23
C GLU A 134 17.22 1.79 5.86
N ASP A 135 16.90 2.81 6.66
CA ASP A 135 15.58 2.88 7.29
C ASP A 135 14.46 3.14 6.29
N GLN A 136 14.79 3.79 5.19
CA GLN A 136 13.79 4.04 4.17
C GLN A 136 13.45 2.68 3.56
N ILE A 137 14.49 1.94 3.23
CA ILE A 137 14.34 0.63 2.65
C ILE A 137 13.62 -0.36 3.58
N ALA A 138 13.90 -0.28 4.88
CA ALA A 138 13.27 -1.16 5.86
C ALA A 138 11.76 -0.89 5.96
N LEU A 139 11.41 0.39 5.95
CA LEU A 139 10.02 0.78 6.03
C LEU A 139 9.29 0.39 4.75
N LEU A 140 9.87 0.70 3.58
CA LEU A 140 9.21 0.33 2.33
C LEU A 140 8.97 -1.18 2.28
N LYS A 141 10.04 -1.97 2.34
CA LYS A 141 9.94 -3.43 2.30
C LYS A 141 8.83 -4.04 3.17
N SER A 142 8.76 -3.61 4.42
CA SER A 142 7.76 -4.12 5.36
C SER A 142 6.36 -3.55 5.15
N SER A 143 6.27 -2.25 4.90
CA SER A 143 4.98 -1.62 4.72
C SER A 143 4.46 -1.64 3.28
N ALA A 144 5.32 -1.98 2.33
CA ALA A 144 4.92 -1.99 0.92
C ALA A 144 3.60 -2.68 0.62
N ILE A 145 3.51 -3.98 0.89
CA ILE A 145 2.30 -4.72 0.58
C ILE A 145 1.03 -4.07 1.15
N GLU A 146 1.13 -3.53 2.35
CA GLU A 146 -0.01 -2.88 2.97
C GLU A 146 -0.40 -1.59 2.26
N ILE A 147 0.60 -0.79 1.85
CA ILE A 147 0.35 0.46 1.17
C ILE A 147 -0.40 0.16 -0.12
N ILE A 148 -0.06 -0.97 -0.72
CA ILE A 148 -0.70 -1.40 -1.94
C ILE A 148 -2.17 -1.80 -1.73
N MET A 149 -2.47 -2.37 -0.57
CA MET A 149 -3.83 -2.76 -0.27
C MET A 149 -4.65 -1.53 0.05
N LEU A 150 -4.04 -0.56 0.72
CA LEU A 150 -4.75 0.66 1.07
C LEU A 150 -5.14 1.43 -0.17
N ARG A 151 -4.16 1.65 -1.05
CA ARG A 151 -4.41 2.40 -2.28
C ARG A 151 -5.32 1.66 -3.27
N SER A 152 -5.27 0.34 -3.24
CA SER A 152 -6.09 -0.47 -4.14
C SER A 152 -7.55 -0.22 -3.85
N ASN A 153 -7.86 0.15 -2.61
CA ASN A 153 -9.24 0.41 -2.22
C ASN A 153 -9.92 1.44 -3.13
N GLN A 154 -9.13 2.34 -3.70
CA GLN A 154 -9.65 3.35 -4.60
C GLN A 154 -10.39 2.73 -5.80
N SER A 155 -9.86 1.62 -6.29
CA SER A 155 -10.48 0.91 -7.42
C SER A 155 -11.46 -0.16 -6.97
N PHE A 156 -11.54 -0.44 -5.68
CA PHE A 156 -12.46 -1.47 -5.22
C PHE A 156 -13.89 -1.04 -5.50
N SER A 157 -14.72 -2.03 -5.83
CA SER A 157 -16.11 -1.76 -6.14
C SER A 157 -17.00 -2.64 -5.26
N LEU A 158 -17.76 -2.00 -4.36
CA LEU A 158 -18.64 -2.74 -3.47
C LEU A 158 -19.77 -3.43 -4.24
N GLU A 159 -20.11 -2.87 -5.39
CA GLU A 159 -21.17 -3.44 -6.23
C GLU A 159 -20.80 -4.86 -6.66
N ASP A 160 -19.55 -5.06 -7.08
CA ASP A 160 -19.10 -6.37 -7.54
C ASP A 160 -17.99 -7.03 -6.73
N MET A 161 -17.63 -6.45 -5.59
CA MET A 161 -16.58 -6.99 -4.73
C MET A 161 -15.33 -7.31 -5.52
N SER A 162 -14.87 -6.34 -6.31
CA SER A 162 -13.68 -6.52 -7.11
C SER A 162 -13.05 -5.17 -7.44
N TRP A 163 -11.80 -5.21 -7.88
CA TRP A 163 -11.06 -4.02 -8.24
C TRP A 163 -11.35 -3.78 -9.71
N SER A 164 -12.01 -2.68 -10.00
CA SER A 164 -12.36 -2.35 -11.37
C SER A 164 -11.41 -1.33 -11.97
N CYS A 165 -10.47 -1.80 -12.77
CA CYS A 165 -9.48 -0.92 -13.38
C CYS A 165 -9.56 -0.84 -14.91
N GLY A 166 -10.61 -1.37 -15.49
CA GLY A 166 -10.77 -1.32 -16.93
C GLY A 166 -11.85 -2.30 -17.40
N GLY A 167 -12.00 -2.45 -18.72
CA GLY A 167 -13.00 -3.36 -19.25
C GLY A 167 -12.87 -4.69 -18.53
N PRO A 168 -13.71 -5.69 -18.83
CA PRO A 168 -13.62 -6.99 -18.15
C PRO A 168 -12.18 -7.48 -17.94
N ASP A 169 -11.27 -6.97 -18.76
CA ASP A 169 -9.84 -7.30 -18.71
C ASP A 169 -9.17 -6.95 -17.37
N PHE A 170 -9.21 -5.66 -17.03
CA PHE A 170 -8.59 -5.16 -15.81
C PHE A 170 -9.55 -5.07 -14.62
N LYS A 171 -10.55 -5.94 -14.61
CA LYS A 171 -11.50 -5.98 -13.52
C LYS A 171 -11.11 -7.20 -12.69
N TYR A 172 -10.18 -6.99 -11.78
CA TYR A 172 -9.69 -8.07 -10.94
C TYR A 172 -10.66 -8.45 -9.85
N CYS A 173 -11.19 -9.67 -9.93
CA CYS A 173 -12.10 -10.13 -8.90
C CYS A 173 -11.38 -11.23 -8.12
N ILE A 174 -11.86 -11.47 -6.91
CA ILE A 174 -11.31 -12.46 -6.00
C ILE A 174 -10.74 -13.73 -6.62
N ASN A 175 -11.31 -14.15 -7.75
CA ASN A 175 -10.86 -15.37 -8.40
C ASN A 175 -9.59 -15.25 -9.25
N ASP A 176 -9.42 -14.12 -9.93
CA ASP A 176 -8.25 -13.91 -10.76
C ASP A 176 -6.97 -13.91 -9.93
N VAL A 177 -7.10 -13.62 -8.64
CA VAL A 177 -5.94 -13.58 -7.77
C VAL A 177 -5.51 -15.01 -7.43
N THR A 178 -6.47 -15.92 -7.45
CA THR A 178 -6.22 -17.34 -7.18
C THR A 178 -5.31 -17.90 -8.27
N LYS A 179 -5.53 -17.42 -9.50
CA LYS A 179 -4.73 -17.87 -10.62
C LYS A 179 -3.38 -17.18 -10.55
N ALA A 180 -3.05 -16.66 -9.37
CA ALA A 180 -1.77 -15.99 -9.15
C ALA A 180 -1.07 -16.60 -7.94
N GLY A 181 -1.55 -17.76 -7.51
CA GLY A 181 -0.94 -18.45 -6.39
C GLY A 181 -1.51 -18.23 -5.01
N HIS A 182 -2.72 -17.67 -4.94
CA HIS A 182 -3.35 -17.42 -3.65
C HIS A 182 -4.67 -18.19 -3.52
N THR A 183 -5.04 -18.51 -2.29
CA THR A 183 -6.26 -19.26 -2.01
C THR A 183 -7.47 -18.35 -1.76
N LEU A 184 -8.45 -18.83 -0.99
CA LEU A 184 -9.64 -18.03 -0.67
C LEU A 184 -9.69 -17.87 0.85
N GLU A 185 -9.07 -18.81 1.55
CA GLU A 185 -9.03 -18.80 2.99
C GLU A 185 -8.36 -17.50 3.42
N LEU A 186 -7.34 -17.10 2.65
CA LEU A 186 -6.60 -15.88 2.94
C LEU A 186 -7.04 -14.73 2.06
N LEU A 187 -7.74 -15.04 0.97
CA LEU A 187 -8.20 -13.99 0.06
C LEU A 187 -9.51 -13.38 0.56
N GLU A 188 -10.15 -14.07 1.50
CA GLU A 188 -11.40 -13.61 2.08
C GLU A 188 -11.23 -12.38 2.99
N PRO A 189 -10.15 -12.35 3.80
CA PRO A 189 -9.92 -11.19 4.68
C PRO A 189 -9.57 -9.93 3.91
N LEU A 190 -9.03 -10.10 2.70
CA LEU A 190 -8.66 -8.96 1.89
C LEU A 190 -9.92 -8.23 1.46
N VAL A 191 -10.92 -8.99 1.01
CA VAL A 191 -12.19 -8.41 0.58
C VAL A 191 -12.93 -7.87 1.78
N LYS A 192 -12.86 -8.62 2.88
CA LYS A 192 -13.50 -8.23 4.13
C LYS A 192 -12.92 -6.86 4.54
N PHE A 193 -11.62 -6.70 4.31
CA PHE A 193 -10.91 -5.47 4.63
C PHE A 193 -11.20 -4.33 3.64
N GLN A 194 -11.33 -4.66 2.36
CA GLN A 194 -11.60 -3.66 1.33
C GLN A 194 -12.99 -3.06 1.47
N VAL A 195 -13.90 -3.86 2.01
CA VAL A 195 -15.29 -3.45 2.22
C VAL A 195 -15.42 -2.48 3.40
N GLY A 196 -14.89 -2.90 4.56
CA GLY A 196 -14.95 -2.07 5.75
C GLY A 196 -14.27 -0.73 5.54
N LEU A 197 -13.15 -0.76 4.82
CA LEU A 197 -12.40 0.43 4.52
C LEU A 197 -13.21 1.35 3.61
N LYS A 198 -13.77 0.77 2.55
CA LYS A 198 -14.59 1.52 1.58
C LYS A 198 -15.73 2.23 2.30
N LYS A 199 -16.46 1.45 3.10
CA LYS A 199 -17.59 1.97 3.86
C LYS A 199 -17.23 3.15 4.74
N LEU A 200 -15.95 3.32 5.02
CA LEU A 200 -15.54 4.44 5.86
C LEU A 200 -15.58 5.74 5.08
N LYS A 201 -15.89 5.65 3.79
CA LYS A 201 -15.97 6.82 2.91
C LYS A 201 -14.96 7.91 3.31
N LEU A 202 -13.69 7.51 3.40
CA LEU A 202 -12.64 8.45 3.78
C LEU A 202 -12.53 9.61 2.79
N HIS A 203 -11.97 10.71 3.27
CA HIS A 203 -11.73 11.87 2.45
C HIS A 203 -10.38 11.54 1.84
N GLU A 204 -10.01 12.19 0.75
CA GLU A 204 -8.73 11.94 0.12
C GLU A 204 -7.63 12.27 1.12
N GLU A 205 -7.89 13.28 1.94
CA GLU A 205 -6.93 13.73 2.95
C GLU A 205 -6.70 12.64 4.03
N GLU A 206 -7.75 11.97 4.44
CA GLU A 206 -7.63 10.93 5.46
C GLU A 206 -7.03 9.66 4.88
N HIS A 207 -7.37 9.38 3.63
CA HIS A 207 -6.90 8.20 2.91
C HIS A 207 -5.39 8.32 2.71
N VAL A 208 -5.00 9.49 2.24
CA VAL A 208 -3.60 9.78 1.98
C VAL A 208 -2.81 9.75 3.31
N LEU A 209 -3.40 10.28 4.37
CA LEU A 209 -2.74 10.30 5.67
C LEU A 209 -2.50 8.88 6.14
N LEU A 210 -3.58 8.10 6.14
CA LEU A 210 -3.52 6.72 6.58
C LEU A 210 -2.40 5.95 5.92
N MET A 211 -2.15 6.21 4.64
CA MET A 211 -1.08 5.52 3.94
C MET A 211 0.27 6.01 4.49
N ALA A 212 0.36 7.30 4.79
CA ALA A 212 1.59 7.86 5.33
C ALA A 212 1.82 7.37 6.77
N ILE A 213 0.73 7.30 7.53
CA ILE A 213 0.83 6.83 8.90
C ILE A 213 1.27 5.37 8.88
N CYS A 214 0.66 4.57 8.01
CA CYS A 214 1.00 3.15 7.87
C CYS A 214 2.46 2.92 7.47
N LEU A 215 2.98 3.80 6.63
CA LEU A 215 4.35 3.68 6.15
C LEU A 215 5.38 4.01 7.22
N LEU A 216 4.98 4.82 8.20
CA LEU A 216 5.89 5.20 9.27
C LEU A 216 5.66 4.42 10.55
N SER A 217 5.29 3.16 10.41
CA SER A 217 5.07 2.30 11.56
C SER A 217 6.45 1.87 12.00
N PRO A 218 6.87 2.30 13.21
CA PRO A 218 8.18 2.00 13.83
C PRO A 218 8.41 0.51 14.04
N ASP A 219 7.31 -0.21 14.20
CA ASP A 219 7.27 -1.65 14.42
C ASP A 219 7.50 -2.46 13.15
N ARG A 220 8.66 -2.29 12.52
CA ARG A 220 8.99 -3.02 11.29
C ARG A 220 10.31 -3.73 11.43
N PRO A 221 10.35 -5.03 11.14
CA PRO A 221 11.63 -5.72 11.27
C PRO A 221 12.65 -5.06 10.35
N GLY A 222 13.82 -4.74 10.89
CA GLY A 222 14.87 -4.09 10.10
C GLY A 222 15.09 -2.63 10.45
N VAL A 223 14.10 -2.03 11.10
CA VAL A 223 14.14 -0.61 11.49
C VAL A 223 15.17 -0.23 12.55
N GLN A 224 15.97 0.79 12.25
CA GLN A 224 17.01 1.28 13.17
C GLN A 224 16.51 2.40 14.10
N ASP A 225 16.38 3.59 13.52
CA ASP A 225 15.95 4.81 14.23
C ASP A 225 14.47 4.77 14.59
N HIS A 226 14.05 3.74 15.32
CA HIS A 226 12.65 3.61 15.67
C HIS A 226 12.11 4.70 16.59
N VAL A 227 12.99 5.61 17.00
CA VAL A 227 12.56 6.71 17.86
C VAL A 227 12.09 7.88 17.00
N ARG A 228 12.83 8.20 15.95
CA ARG A 228 12.44 9.30 15.07
C ARG A 228 11.20 8.93 14.27
N ILE A 229 11.30 7.80 13.56
CA ILE A 229 10.22 7.26 12.75
C ILE A 229 8.94 7.29 13.55
N GLU A 230 9.10 7.08 14.85
CA GLU A 230 7.99 7.09 15.80
C GLU A 230 7.40 8.49 15.96
N ALA A 231 8.25 9.52 16.00
CA ALA A 231 7.77 10.88 16.16
C ALA A 231 7.01 11.32 14.92
N LEU A 232 7.60 11.04 13.76
CA LEU A 232 6.99 11.37 12.48
C LEU A 232 5.58 10.82 12.44
N GLN A 233 5.45 9.52 12.67
CA GLN A 233 4.13 8.91 12.64
C GLN A 233 3.14 9.61 13.57
N ASP A 234 3.64 10.12 14.70
CA ASP A 234 2.80 10.83 15.67
C ASP A 234 2.33 12.17 15.15
N ARG A 235 3.19 12.85 14.41
CA ARG A 235 2.85 14.13 13.83
C ARG A 235 1.70 13.90 12.86
N LEU A 236 1.83 12.86 12.05
CA LEU A 236 0.84 12.46 11.06
C LEU A 236 -0.48 12.01 11.69
N CYS A 237 -0.39 11.25 12.76
CA CYS A 237 -1.59 10.80 13.45
C CYS A 237 -2.36 11.98 14.04
N ASP A 238 -1.63 13.03 14.42
CA ASP A 238 -2.22 14.23 15.00
C ASP A 238 -2.96 15.05 13.95
N VAL A 239 -2.36 15.17 12.78
CA VAL A 239 -2.98 15.90 11.69
C VAL A 239 -4.24 15.15 11.26
N LEU A 240 -4.18 13.81 11.33
CA LEU A 240 -5.35 13.02 10.93
C LEU A 240 -6.50 13.21 11.92
N GLN A 241 -6.16 13.32 13.20
CA GLN A 241 -7.16 13.52 14.24
C GLN A 241 -7.78 14.91 14.18
N ALA A 242 -6.93 15.93 14.07
CA ALA A 242 -7.41 17.30 13.99
C ALA A 242 -8.32 17.41 12.77
N TYR A 243 -7.81 16.98 11.62
CA TYR A 243 -8.58 17.01 10.39
C TYR A 243 -9.96 16.38 10.58
N ILE A 244 -10.00 15.11 10.95
CA ILE A 244 -11.27 14.42 11.17
C ILE A 244 -12.16 15.19 12.11
N ARG A 245 -11.55 15.74 13.17
CA ARG A 245 -12.30 16.48 14.17
C ARG A 245 -12.92 17.78 13.64
N ILE A 246 -12.12 18.61 12.95
CA ILE A 246 -12.62 19.89 12.43
C ILE A 246 -13.22 19.86 11.03
N GLN A 247 -12.72 18.99 10.17
CA GLN A 247 -13.22 18.94 8.80
C GLN A 247 -14.10 17.73 8.45
N HIS A 248 -14.18 16.76 9.35
CA HIS A 248 -14.98 15.58 9.06
C HIS A 248 -16.18 15.41 10.00
N PRO A 249 -17.31 16.04 9.64
CA PRO A 249 -18.55 15.98 10.44
C PRO A 249 -19.14 14.58 10.54
N GLY A 250 -19.44 14.16 11.77
CA GLY A 250 -20.01 12.86 11.99
C GLY A 250 -18.98 11.79 12.25
N GLY A 251 -17.72 12.10 11.97
CA GLY A 251 -16.66 11.12 12.18
C GLY A 251 -15.99 11.17 13.54
N ARG A 252 -16.73 10.84 14.60
CA ARG A 252 -16.22 10.87 15.96
C ARG A 252 -15.47 9.58 16.31
N LEU A 253 -15.99 8.47 15.80
CA LEU A 253 -15.42 7.15 16.02
C LEU A 253 -14.33 6.85 14.99
N LEU A 254 -14.47 7.45 13.82
CA LEU A 254 -13.56 7.28 12.69
C LEU A 254 -12.10 6.99 13.00
N TYR A 255 -11.38 7.99 13.51
CA TYR A 255 -9.96 7.81 13.84
C TYR A 255 -9.64 6.42 14.36
N ALA A 256 -10.33 6.03 15.43
CA ALA A 256 -10.14 4.73 16.05
C ALA A 256 -10.42 3.58 15.06
N LYS A 257 -11.37 3.78 14.15
CA LYS A 257 -11.70 2.76 13.15
C LYS A 257 -10.57 2.64 12.15
N MET A 258 -9.97 3.78 11.83
CA MET A 258 -8.86 3.84 10.88
C MET A 258 -7.62 3.16 11.41
N ILE A 259 -7.33 3.38 12.70
CA ILE A 259 -6.15 2.77 13.30
C ILE A 259 -6.33 1.27 13.31
N GLN A 260 -7.56 0.82 13.59
CA GLN A 260 -7.85 -0.60 13.62
C GLN A 260 -7.49 -1.23 12.27
N LYS A 261 -7.75 -0.49 11.19
CA LYS A 261 -7.45 -0.96 9.84
C LYS A 261 -5.96 -1.26 9.63
N LEU A 262 -5.10 -0.61 10.41
CA LEU A 262 -3.67 -0.86 10.28
C LEU A 262 -3.33 -2.22 10.91
N ALA A 263 -3.99 -2.53 12.01
CA ALA A 263 -3.77 -3.80 12.69
C ALA A 263 -4.14 -4.95 11.77
N ASP A 264 -5.17 -4.73 10.94
CA ASP A 264 -5.64 -5.72 9.99
C ASP A 264 -4.62 -5.90 8.89
N LEU A 265 -4.01 -4.81 8.49
CA LEU A 265 -3.00 -4.84 7.44
C LEU A 265 -1.84 -5.72 7.87
N ARG A 266 -1.52 -5.65 9.16
CA ARG A 266 -0.45 -6.46 9.74
C ARG A 266 -0.71 -7.93 9.44
N SER A 267 -1.94 -8.36 9.73
CA SER A 267 -2.37 -9.75 9.53
C SER A 267 -2.34 -10.15 8.06
N LEU A 268 -2.91 -9.30 7.21
CA LEU A 268 -2.93 -9.56 5.79
C LEU A 268 -1.48 -9.58 5.29
N ASN A 269 -0.65 -8.75 5.90
CA ASN A 269 0.75 -8.65 5.56
C ASN A 269 1.45 -9.96 5.88
N GLU A 270 1.15 -10.52 7.04
CA GLU A 270 1.75 -11.78 7.46
C GLU A 270 1.25 -12.94 6.64
N GLU A 271 -0.01 -12.87 6.19
CA GLU A 271 -0.57 -13.95 5.37
C GLU A 271 0.05 -13.93 3.99
N HIS A 272 0.32 -12.74 3.48
CA HIS A 272 0.93 -12.63 2.17
C HIS A 272 2.34 -13.19 2.22
N SER A 273 3.13 -12.75 3.20
CA SER A 273 4.50 -13.20 3.37
C SER A 273 4.62 -14.70 3.20
N LYS A 274 3.76 -15.41 3.92
CA LYS A 274 3.74 -16.87 3.89
C LYS A 274 3.45 -17.43 2.52
N GLN A 275 2.33 -17.00 1.94
CA GLN A 275 1.97 -17.50 0.63
C GLN A 275 2.99 -17.12 -0.43
N TYR A 276 3.51 -15.89 -0.35
CA TYR A 276 4.51 -15.41 -1.31
C TYR A 276 5.81 -16.21 -1.16
N ARG A 277 6.15 -16.55 0.08
CA ARG A 277 7.36 -17.30 0.40
C ARG A 277 7.38 -18.63 -0.35
N SER A 278 6.27 -19.36 -0.27
CA SER A 278 6.15 -20.64 -0.96
C SER A 278 6.36 -20.42 -2.45
N LEU A 279 5.56 -19.53 -3.01
CA LEU A 279 5.62 -19.20 -4.43
C LEU A 279 7.02 -18.77 -4.87
N SER A 280 7.64 -17.85 -4.14
CA SER A 280 8.96 -17.39 -4.51
C SER A 280 10.01 -18.49 -4.44
N PHE A 281 9.75 -19.50 -3.60
CA PHE A 281 10.68 -20.61 -3.44
C PHE A 281 10.70 -21.57 -4.63
N GLN A 282 9.59 -21.62 -5.35
CA GLN A 282 9.50 -22.48 -6.52
C GLN A 282 9.94 -21.66 -7.73
N PRO A 283 11.15 -21.95 -8.24
CA PRO A 283 11.74 -21.26 -9.39
C PRO A 283 10.90 -21.16 -10.64
N GLU A 284 9.97 -22.09 -10.83
CA GLU A 284 9.13 -22.05 -12.02
C GLU A 284 8.14 -20.90 -11.88
N HIS A 285 7.90 -20.48 -10.65
CA HIS A 285 6.99 -19.39 -10.36
C HIS A 285 7.70 -18.06 -10.17
N SER A 286 8.78 -18.08 -9.40
CA SER A 286 9.53 -16.87 -9.13
C SER A 286 10.02 -16.21 -10.42
N MET A 287 10.27 -17.03 -11.44
CA MET A 287 10.74 -16.51 -12.72
C MET A 287 9.66 -15.67 -13.41
N GLN A 288 8.46 -15.69 -12.84
CA GLN A 288 7.33 -14.92 -13.38
C GLN A 288 7.29 -13.57 -12.70
N LEU A 289 7.88 -13.50 -11.52
CA LEU A 289 7.92 -12.26 -10.76
C LEU A 289 8.89 -11.30 -11.45
N THR A 290 8.92 -10.04 -10.98
CA THR A 290 9.85 -9.07 -11.55
C THR A 290 10.97 -8.84 -10.53
N PRO A 291 12.12 -8.36 -11.00
CA PRO A 291 13.26 -8.09 -10.12
C PRO A 291 12.88 -7.21 -8.91
N LEU A 292 12.13 -6.14 -9.15
CA LEU A 292 11.73 -5.26 -8.05
C LEU A 292 10.91 -6.00 -6.99
N VAL A 293 9.97 -6.83 -7.41
CA VAL A 293 9.16 -7.60 -6.47
C VAL A 293 10.08 -8.57 -5.72
N LEU A 294 10.84 -9.33 -6.48
CA LEU A 294 11.76 -10.30 -5.89
C LEU A 294 12.62 -9.63 -4.85
N GLU A 295 13.00 -8.38 -5.11
CA GLU A 295 13.85 -7.66 -4.19
C GLU A 295 13.13 -7.04 -2.99
N VAL A 296 11.92 -6.51 -3.21
CA VAL A 296 11.17 -5.89 -2.12
C VAL A 296 10.61 -6.89 -1.13
N PHE A 297 10.15 -8.03 -1.64
CA PHE A 297 9.57 -9.05 -0.79
C PHE A 297 10.59 -10.10 -0.40
N GLY A 298 11.79 -9.99 -0.94
CA GLY A 298 12.86 -10.91 -0.60
C GLY A 298 13.45 -10.61 0.76
N SER A 299 14.17 -11.56 1.34
CA SER A 299 14.76 -11.38 2.66
C SER A 299 16.21 -10.90 2.70
N GLU A 300 16.90 -10.90 1.56
CA GLU A 300 18.29 -10.48 1.54
C GLU A 300 18.52 -9.04 1.98
N VAL A 301 18.05 -8.70 3.19
CA VAL A 301 18.21 -7.34 3.74
C VAL A 301 19.59 -7.10 4.35
N ARG B 1 21.97 -6.00 -0.46
CA ARG B 1 22.40 -4.90 -1.31
C ARG B 1 21.25 -3.99 -1.72
N HIS B 2 20.19 -4.57 -2.26
CA HIS B 2 19.03 -3.80 -2.69
C HIS B 2 19.39 -2.85 -3.82
N LYS B 3 20.04 -3.36 -4.86
CA LYS B 3 20.44 -2.54 -5.99
C LYS B 3 19.29 -1.65 -6.47
N ILE B 4 18.21 -2.27 -6.93
CA ILE B 4 17.05 -1.55 -7.45
C ILE B 4 16.44 -0.56 -6.46
N LEU B 5 16.05 -1.03 -5.29
CA LEU B 5 15.44 -0.18 -4.26
C LEU B 5 16.27 1.04 -3.87
N HIS B 6 17.58 0.97 -4.08
CA HIS B 6 18.48 2.07 -3.75
C HIS B 6 18.42 3.15 -4.80
N ARG B 7 18.49 2.74 -6.06
CA ARG B 7 18.44 3.65 -7.19
C ARG B 7 17.11 4.38 -7.22
N LEU B 8 16.03 3.68 -6.90
CA LEU B 8 14.70 4.26 -6.91
C LEU B 8 14.51 5.34 -5.84
N LEU B 9 15.06 5.10 -4.66
CA LEU B 9 14.96 6.11 -3.61
C LEU B 9 15.90 7.24 -3.99
N GLN B 10 16.28 7.29 -5.27
CA GLN B 10 17.18 8.30 -5.83
C GLN B 10 18.60 7.97 -5.41
O2 BIV C . -6.00 0.34 -7.68
O3 BIV C . 1.90 -12.32 -4.09
C1 BIV C . -3.20 -0.48 -7.00
C2 BIV C . -3.64 0.31 -8.28
C3 BIV C . -5.11 -0.10 -8.72
C4 BIV C . -5.27 -1.66 -8.90
C5 BIV C . -4.75 -2.52 -7.72
C6 BIV C . -5.44 -3.60 -7.13
C7 BIV C . -5.08 -4.54 -6.03
C8 BIV C . -5.25 -5.81 -5.92
C9 BIV C . -5.96 -6.75 -7.02
C10 BIV C . -3.31 -2.03 -7.27
C11 BIV C . -4.96 -7.92 -7.56
C12 BIV C . -4.23 -8.67 -6.32
C13 BIV C . -3.61 -7.72 -5.07
C14 BIV C . -4.79 -6.61 -4.68
C15 BIV C . -4.02 -5.80 -3.40
C16 BIV C . -3.18 -6.99 -2.75
C17 BIV C . -3.52 -8.24 -3.62
C18 BIV C . -2.24 -7.01 -5.83
C19 BIV C . -2.23 -2.88 -7.15
C20 BIV C . -2.45 -9.47 -3.50
C22 BIV C . -0.87 -9.41 -3.67
C23 BIV C . -0.44 -10.28 -4.89
C24 BIV C . 0.98 -10.36 -5.24
C25 BIV C . 1.82 -11.65 -5.33
C26 BIV C . 1.25 -12.58 -6.39
C27 BIV C . 3.31 -11.31 -5.75
O1 BIV C . -1.81 -0.07 -6.61
C21 BIV C . -2.61 -10.16 -2.20
C28 BIV C . -2.00 -10.81 -0.99
C29 BIV C . -2.91 -10.55 0.23
C30 BIV C . -3.65 -11.83 0.75
O4 BIV C . -2.93 -13.13 0.31
C32 BIV C . -5.10 -11.84 0.23
C33 BIV C . -3.68 -11.80 2.30
#